data_3ODS
#
_entry.id   3ODS
#
_cell.length_a   32.193
_cell.length_b   44.039
_cell.length_c   63.463
_cell.angle_alpha   79.45
_cell.angle_beta   80.55
_cell.angle_gamma   73.84
#
_symmetry.space_group_name_H-M   'P 1'
#
loop_
_entity.id
_entity.type
_entity.pdbx_description
1 polymer Symplekin
2 non-polymer 1,2-ETHANEDIOL
3 water water
#
_entity_poly.entity_id   1
_entity_poly.type   'polypeptide(L)'
_entity_poly.pdbx_seq_one_letter_code
;MGSSHHHHHHSSGLVPRGSHMASGSGDSVTRRSVASQFFTQEEGPGIDGMTTSERVVDLLNQAALITNDSKITVLKQVQE
LIINKDPTLLDNFLDEIIAFQADKSIEVRKFVIGFIEEACKRDIELLLKLIANLNMLLRDENVNVVKKAILTMTQLYKVA
LQWMVKSRVISELQEACWDMVSAMAGDIILLLDSDNDGIRTHAIAFVEGLIVTLSPRMADSEIPRRQEHDISLDRIPRDH
PYIQYNVLWEEGKAALEQLLKFMVHPAISSINLTTALGSLANIARQRPMFMSEVIQAYETLHANLPPTLAKSQVSSVRKN
LKLHLLSVLKHPASLEFQAQITTLLVDLGTPQAEIARNMPSSKDTRKRPRDDSDSTLKKMKLEPNLGEDDEDKDLEPGPS
GTSKASAQISGQSDT
;
_entity_poly.pdbx_strand_id   A
#
loop_
_chem_comp.id
_chem_comp.type
_chem_comp.name
_chem_comp.formula
EDO non-polymer 1,2-ETHANEDIOL 'C2 H6 O2'
#
# COMPACT_ATOMS: atom_id res chain seq x y z
N MET A 50 18.20 -39.20 -1.64
CA MET A 50 18.21 -38.19 -2.76
C MET A 50 18.56 -36.78 -2.30
N THR A 51 18.91 -35.91 -3.23
CA THR A 51 19.29 -34.56 -2.83
C THR A 51 18.11 -33.61 -2.73
N THR A 52 18.33 -32.44 -2.15
CA THR A 52 17.27 -31.45 -2.10
C THR A 52 16.79 -31.07 -3.52
N SER A 53 17.72 -30.83 -4.45
CA SER A 53 17.30 -30.40 -5.78
C SER A 53 16.58 -31.56 -6.52
N GLU A 54 16.98 -32.81 -6.23
CA GLU A 54 16.27 -34.00 -6.77
C GLU A 54 14.84 -34.14 -6.22
N ARG A 55 14.67 -33.91 -4.91
CA ARG A 55 13.34 -33.85 -4.30
C ARG A 55 12.49 -32.68 -4.86
N VAL A 56 13.10 -31.53 -5.10
CA VAL A 56 12.39 -30.38 -5.64
C VAL A 56 11.84 -30.75 -7.01
N VAL A 57 12.69 -31.33 -7.85
CA VAL A 57 12.25 -31.77 -9.18
C VAL A 57 11.10 -32.77 -9.08
N ASP A 58 11.23 -33.74 -8.18
CA ASP A 58 10.16 -34.74 -8.07
C ASP A 58 8.83 -34.13 -7.62
N LEU A 59 8.89 -33.23 -6.64
CA LEU A 59 7.72 -32.46 -6.23
C LEU A 59 7.12 -31.65 -7.35
N LEU A 60 7.96 -30.94 -8.11
CA LEU A 60 7.43 -30.16 -9.21
C LEU A 60 6.76 -31.09 -10.23
N ASN A 61 7.34 -32.26 -10.43
CA ASN A 61 6.78 -33.23 -11.37
C ASN A 61 5.45 -33.77 -10.84
N GLN A 62 5.34 -33.96 -9.53
CA GLN A 62 4.04 -34.31 -8.94
C GLN A 62 2.99 -33.20 -9.04
N ALA A 63 3.42 -31.94 -8.82
CA ALA A 63 2.49 -30.80 -8.89
C ALA A 63 1.89 -30.75 -10.27
N ALA A 64 2.70 -31.08 -11.28
CA ALA A 64 2.23 -31.10 -12.66
C ALA A 64 1.08 -32.07 -12.95
N LEU A 65 1.00 -33.17 -12.20
CA LEU A 65 -0.07 -34.15 -12.36
C LEU A 65 -1.35 -33.79 -11.59
N ILE A 66 -1.24 -32.84 -10.65
CA ILE A 66 -2.41 -32.56 -9.78
C ILE A 66 -3.35 -31.62 -10.54
N THR A 67 -4.63 -31.97 -10.49
CA THR A 67 -5.70 -31.44 -11.35
C THR A 67 -6.56 -30.39 -10.67
N ASN A 68 -6.17 -29.97 -9.47
CA ASN A 68 -6.99 -29.03 -8.70
C ASN A 68 -6.12 -28.15 -7.81
N ASP A 69 -6.75 -27.25 -7.03
CA ASP A 69 -6.02 -26.25 -6.25
C ASP A 69 -5.10 -26.83 -5.20
N SER A 70 -5.29 -28.09 -4.84
CA SER A 70 -4.41 -28.73 -3.89
C SER A 70 -2.99 -28.88 -4.41
N LYS A 71 -2.76 -28.67 -5.69
CA LYS A 71 -1.36 -28.58 -6.19
C LYS A 71 -0.58 -27.50 -5.42
N ILE A 72 -1.30 -26.52 -4.88
CA ILE A 72 -0.65 -25.46 -4.11
C ILE A 72 0.06 -26.00 -2.88
N THR A 73 -0.45 -27.07 -2.29
CA THR A 73 0.24 -27.75 -1.18
C THR A 73 1.65 -28.21 -1.59
N VAL A 74 1.75 -28.82 -2.75
CA VAL A 74 3.03 -29.29 -3.26
C VAL A 74 3.89 -28.10 -3.65
N LEU A 75 3.32 -27.09 -4.27
CA LEU A 75 4.15 -25.90 -4.61
C LEU A 75 4.66 -25.17 -3.37
N LYS A 76 3.85 -25.13 -2.31
CA LYS A 76 4.34 -24.59 -1.03
C LYS A 76 5.48 -25.41 -0.45
N GLN A 77 5.43 -26.76 -0.60
CA GLN A 77 6.57 -27.59 -0.20
C GLN A 77 7.84 -27.21 -0.99
N VAL A 78 7.72 -27.06 -2.30
CA VAL A 78 8.88 -26.60 -3.10
C VAL A 78 9.41 -25.23 -2.61
N GLN A 79 8.47 -24.30 -2.36
CA GLN A 79 8.80 -22.93 -1.93
C GLN A 79 9.59 -22.98 -0.63
N GLU A 80 9.13 -23.81 0.30
CA GLU A 80 9.82 -23.98 1.55
C GLU A 80 11.25 -24.50 1.33
N LEU A 81 11.41 -25.52 0.47
CA LEU A 81 12.74 -26.09 0.18
C LEU A 81 13.70 -25.08 -0.45
N ILE A 82 13.22 -24.30 -1.42
CA ILE A 82 14.10 -23.42 -2.20
C ILE A 82 14.27 -21.99 -1.65
N ILE A 83 13.32 -21.55 -0.81
CA ILE A 83 13.43 -20.23 -0.18
C ILE A 83 14.07 -20.37 1.21
N ASN A 84 13.71 -21.41 1.96
CA ASN A 84 14.07 -21.46 3.38
C ASN A 84 15.08 -22.54 3.79
N LYS A 85 14.88 -23.74 3.29
CA LYS A 85 15.74 -24.86 3.59
C LYS A 85 17.12 -24.85 2.87
N ASP A 86 17.15 -24.61 1.55
CA ASP A 86 18.42 -24.41 0.82
C ASP A 86 18.22 -23.23 -0.12
N PRO A 87 18.38 -21.98 0.39
CA PRO A 87 18.10 -20.77 -0.41
C PRO A 87 18.88 -20.66 -1.72
N THR A 88 20.02 -21.34 -1.83
CA THR A 88 20.80 -21.36 -3.11
C THR A 88 19.98 -21.94 -4.28
N LEU A 89 19.01 -22.78 -3.94
CA LEU A 89 18.16 -23.38 -4.97
C LEU A 89 17.15 -22.42 -5.56
N LEU A 90 16.88 -21.30 -4.87
CA LEU A 90 15.83 -20.37 -5.30
C LEU A 90 16.08 -19.97 -6.75
N ASP A 91 17.31 -19.54 -7.05
CA ASP A 91 17.74 -19.14 -8.41
C ASP A 91 17.47 -20.19 -9.46
N ASN A 92 17.79 -21.43 -9.12
CA ASN A 92 17.73 -22.52 -10.05
C ASN A 92 16.31 -22.99 -10.38
N PHE A 93 15.36 -22.71 -9.50
CA PHE A 93 13.98 -23.22 -9.69
C PHE A 93 12.93 -22.15 -9.86
N LEU A 94 13.39 -20.90 -10.04
CA LEU A 94 12.48 -19.76 -10.24
C LEU A 94 11.58 -19.95 -11.44
N ASP A 95 12.16 -20.32 -12.58
CA ASP A 95 11.37 -20.48 -13.81
C ASP A 95 10.26 -21.52 -13.64
N GLU A 96 10.57 -22.57 -12.87
CA GLU A 96 9.64 -23.68 -12.70
C GLU A 96 8.42 -23.31 -11.85
N ILE A 97 8.62 -22.43 -10.87
CA ILE A 97 7.48 -22.00 -10.06
C ILE A 97 6.69 -20.96 -10.85
N ILE A 98 7.44 -20.05 -11.48
CA ILE A 98 6.81 -18.92 -12.16
C ILE A 98 6.04 -19.39 -13.38
N ALA A 99 6.38 -20.58 -13.91
CA ALA A 99 5.60 -21.20 -15.00
C ALA A 99 4.10 -21.33 -14.65
N PHE A 100 3.82 -21.50 -13.37
CA PHE A 100 2.43 -21.65 -12.90
C PHE A 100 1.63 -20.35 -12.96
N GLN A 101 2.26 -19.24 -13.38
CA GLN A 101 1.48 -18.01 -13.58
C GLN A 101 0.52 -18.16 -14.75
N ALA A 102 0.79 -19.15 -15.60
CA ALA A 102 -0.06 -19.52 -16.74
C ALA A 102 -1.21 -20.46 -16.36
N ASP A 103 -1.26 -20.93 -15.10
CA ASP A 103 -2.31 -21.86 -14.64
C ASP A 103 -3.68 -21.16 -14.74
N LYS A 104 -4.71 -21.87 -15.22
CA LYS A 104 -6.05 -21.30 -15.29
C LYS A 104 -6.71 -21.06 -13.92
N SER A 105 -6.15 -21.66 -12.84
CA SER A 105 -6.69 -21.44 -11.49
C SER A 105 -6.32 -20.08 -10.93
N ILE A 106 -7.35 -19.33 -10.53
CA ILE A 106 -7.15 -18.07 -9.82
C ILE A 106 -6.29 -18.24 -8.57
N GLU A 107 -6.51 -19.30 -7.79
CA GLU A 107 -5.74 -19.46 -6.55
C GLU A 107 -4.28 -19.81 -6.82
N VAL A 108 -4.02 -20.54 -7.89
CA VAL A 108 -2.64 -20.90 -8.22
C VAL A 108 -1.92 -19.62 -8.67
N ARG A 109 -2.59 -18.77 -9.45
CA ARG A 109 -1.93 -17.49 -9.84
C ARG A 109 -1.68 -16.58 -8.63
N LYS A 110 -2.64 -16.56 -7.69
CA LYS A 110 -2.43 -15.84 -6.41
C LYS A 110 -1.25 -16.41 -5.65
N PHE A 111 -1.15 -17.74 -5.59
CA PHE A 111 0.04 -18.36 -5.00
C PHE A 111 1.33 -17.87 -5.67
N VAL A 112 1.35 -17.78 -7.01
CA VAL A 112 2.54 -17.33 -7.72
C VAL A 112 2.92 -15.87 -7.32
N ILE A 113 1.91 -15.02 -7.14
CA ILE A 113 2.15 -13.66 -6.66
C ILE A 113 2.79 -13.68 -5.26
N GLY A 114 2.21 -14.46 -4.35
CA GLY A 114 2.77 -14.69 -2.98
C GLY A 114 4.20 -15.19 -2.99
N PHE A 115 4.47 -16.11 -3.90
CA PHE A 115 5.83 -16.62 -4.05
C PHE A 115 6.82 -15.53 -4.50
N ILE A 116 6.39 -14.72 -5.45
CA ILE A 116 7.23 -13.62 -5.94
C ILE A 116 7.50 -12.69 -4.76
N GLU A 117 6.48 -12.33 -3.99
CA GLU A 117 6.71 -11.46 -2.80
C GLU A 117 7.76 -12.06 -1.86
N GLU A 118 7.62 -13.35 -1.50
CA GLU A 118 8.58 -13.96 -0.58
C GLU A 118 9.95 -14.09 -1.19
N ALA A 119 10.02 -14.45 -2.47
CA ALA A 119 11.33 -14.60 -3.13
C ALA A 119 12.10 -13.26 -3.10
N CYS A 120 11.36 -12.17 -3.30
CA CYS A 120 11.96 -10.81 -3.41
C CYS A 120 12.30 -10.26 -2.03
N LYS A 121 11.58 -10.69 -0.99
CA LYS A 121 11.93 -10.35 0.40
C LYS A 121 13.15 -11.16 0.91
N ARG A 122 13.37 -12.34 0.34
CA ARG A 122 14.58 -13.16 0.60
C ARG A 122 15.79 -12.57 -0.14
N ASP A 123 15.58 -12.17 -1.39
CA ASP A 123 16.66 -11.63 -2.23
C ASP A 123 16.11 -10.57 -3.18
N ILE A 124 16.28 -9.29 -2.82
CA ILE A 124 15.61 -8.22 -3.59
C ILE A 124 16.13 -8.18 -5.01
N GLU A 125 17.32 -8.73 -5.25
CA GLU A 125 17.88 -8.78 -6.59
C GLU A 125 17.00 -9.64 -7.53
N LEU A 126 16.20 -10.54 -6.97
CA LEU A 126 15.34 -11.35 -7.81
C LEU A 126 14.23 -10.51 -8.51
N LEU A 127 13.94 -9.33 -7.95
CA LEU A 127 13.03 -8.42 -8.58
C LEU A 127 13.46 -8.07 -10.01
N LEU A 128 14.76 -8.10 -10.28
CA LEU A 128 15.24 -7.88 -11.66
C LEU A 128 14.62 -8.88 -12.66
N LYS A 129 14.40 -10.10 -12.20
CA LYS A 129 13.85 -11.18 -13.04
C LYS A 129 12.34 -11.37 -12.89
N LEU A 130 11.76 -10.82 -11.81
CA LEU A 130 10.40 -11.14 -11.44
C LEU A 130 9.43 -9.99 -11.60
N ILE A 131 9.94 -8.76 -11.72
CA ILE A 131 9.03 -7.62 -11.85
C ILE A 131 8.15 -7.74 -13.15
N ALA A 132 8.71 -8.26 -14.24
CA ALA A 132 7.90 -8.45 -15.47
C ALA A 132 6.71 -9.43 -15.25
N ASN A 133 6.98 -10.49 -14.51
CA ASN A 133 5.96 -11.52 -14.18
C ASN A 133 4.86 -10.91 -13.29
N LEU A 134 5.28 -10.09 -12.33
CA LEU A 134 4.32 -9.40 -11.46
C LEU A 134 3.49 -8.37 -12.23
N ASN A 135 4.12 -7.67 -13.17
CA ASN A 135 3.41 -6.75 -14.03
C ASN A 135 2.34 -7.49 -14.82
N MET A 136 2.66 -8.68 -15.35
CA MET A 136 1.63 -9.45 -16.08
C MET A 136 0.47 -9.83 -15.16
N LEU A 137 0.76 -10.25 -13.92
CA LEU A 137 -0.28 -10.64 -12.95
C LEU A 137 -1.10 -9.44 -12.44
N LEU A 138 -0.46 -8.27 -12.41
CA LEU A 138 -1.16 -7.06 -12.07
C LEU A 138 -2.23 -6.74 -13.15
N ARG A 139 -1.98 -7.24 -14.37
CA ARG A 139 -2.88 -7.03 -15.53
C ARG A 139 -3.73 -8.26 -15.83
N ASP A 140 -3.87 -9.14 -14.84
CA ASP A 140 -4.63 -10.36 -15.01
C ASP A 140 -6.10 -10.06 -15.34
N GLU A 141 -6.71 -10.95 -16.10
CA GLU A 141 -8.15 -10.87 -16.45
C GLU A 141 -9.06 -10.95 -15.21
N ASN A 142 -8.58 -11.62 -14.16
CA ASN A 142 -9.42 -11.87 -13.02
C ASN A 142 -9.15 -10.88 -11.89
N VAL A 143 -10.21 -10.27 -11.37
CA VAL A 143 -10.09 -9.18 -10.40
C VAL A 143 -9.41 -9.62 -9.10
N ASN A 144 -9.59 -10.86 -8.69
CA ASN A 144 -8.96 -11.33 -7.48
C ASN A 144 -7.45 -11.51 -7.57
N VAL A 145 -6.98 -11.86 -8.75
CA VAL A 145 -5.55 -11.96 -9.00
C VAL A 145 -4.99 -10.52 -8.99
N VAL A 146 -5.72 -9.60 -9.63
CA VAL A 146 -5.28 -8.16 -9.63
C VAL A 146 -5.17 -7.64 -8.20
N LYS A 147 -6.17 -7.91 -7.37
CA LYS A 147 -6.14 -7.45 -5.98
C LYS A 147 -4.90 -7.94 -5.22
N LYS A 148 -4.58 -9.23 -5.37
CA LYS A 148 -3.44 -9.82 -4.71
C LYS A 148 -2.15 -9.16 -5.22
N ALA A 149 -2.06 -8.95 -6.54
CA ALA A 149 -0.91 -8.25 -7.16
C ALA A 149 -0.74 -6.83 -6.56
N ILE A 150 -1.86 -6.13 -6.35
CA ILE A 150 -1.81 -4.81 -5.63
C ILE A 150 -1.26 -4.95 -4.22
N LEU A 151 -1.79 -5.91 -3.45
CA LEU A 151 -1.28 -6.18 -2.09
C LEU A 151 0.21 -6.41 -2.10
N THR A 152 0.68 -7.19 -3.06
CA THR A 152 2.13 -7.51 -3.15
C THR A 152 2.93 -6.27 -3.56
N MET A 153 2.43 -5.49 -4.52
CA MET A 153 3.10 -4.22 -4.87
C MET A 153 3.22 -3.30 -3.63
N THR A 154 2.20 -3.29 -2.78
CA THR A 154 2.24 -2.46 -1.54
C THR A 154 3.39 -2.87 -0.58
N GLN A 155 3.72 -4.16 -0.54
CA GLN A 155 4.90 -4.64 0.17
C GLN A 155 6.20 -4.39 -0.58
N LEU A 156 6.21 -4.62 -1.90
CA LEU A 156 7.46 -4.61 -2.62
C LEU A 156 7.93 -3.22 -3.10
N TYR A 157 7.01 -2.28 -3.34
CA TYR A 157 7.48 -0.97 -3.86
C TYR A 157 8.52 -0.37 -2.90
N LYS A 158 8.20 -0.35 -1.61
CA LYS A 158 9.07 0.30 -0.65
C LYS A 158 10.41 -0.45 -0.51
N VAL A 159 10.38 -1.76 -0.72
CA VAL A 159 11.60 -2.54 -0.67
C VAL A 159 12.48 -2.27 -1.88
N ALA A 160 11.89 -2.23 -3.08
CA ALA A 160 12.66 -1.92 -4.29
C ALA A 160 13.25 -0.52 -4.17
N LEU A 161 12.48 0.41 -3.65
CA LEU A 161 12.96 1.79 -3.50
C LEU A 161 14.17 1.85 -2.55
N GLN A 162 14.09 1.15 -1.42
CA GLN A 162 15.22 1.07 -0.50
C GLN A 162 16.47 0.50 -1.19
N TRP A 163 16.28 -0.52 -2.03
CA TRP A 163 17.38 -1.16 -2.74
C TRP A 163 18.03 -0.17 -3.72
N MET A 164 17.20 0.53 -4.49
CA MET A 164 17.69 1.60 -5.39
C MET A 164 18.52 2.65 -4.65
N VAL A 165 18.00 3.11 -3.52
CA VAL A 165 18.62 4.16 -2.73
C VAL A 165 19.98 3.70 -2.17
N LYS A 166 20.05 2.44 -1.74
CA LYS A 166 21.31 1.82 -1.28
C LYS A 166 22.35 1.63 -2.39
N SER A 167 21.91 1.60 -3.64
CA SER A 167 22.84 1.31 -4.72
C SER A 167 23.41 2.62 -5.25
N ARG A 168 24.72 2.72 -5.33
CA ARG A 168 25.31 3.97 -5.85
C ARG A 168 25.64 3.90 -7.35
N VAL A 169 25.79 2.68 -7.86
CA VAL A 169 25.92 2.45 -9.30
C VAL A 169 24.71 1.63 -9.73
N ILE A 170 23.96 2.15 -10.69
CA ILE A 170 22.69 1.53 -11.09
C ILE A 170 22.88 0.91 -12.46
N SER A 171 22.88 -0.42 -12.46
CA SER A 171 23.01 -1.21 -13.67
C SER A 171 21.84 -0.98 -14.60
N GLU A 172 22.05 -1.37 -15.85
CA GLU A 172 21.02 -1.38 -16.87
C GLU A 172 19.79 -2.18 -16.40
N LEU A 173 20.04 -3.32 -15.78
CA LEU A 173 18.93 -4.17 -15.33
C LEU A 173 18.18 -3.52 -14.20
N GLN A 174 18.92 -2.95 -13.26
CA GLN A 174 18.33 -2.29 -12.13
C GLN A 174 17.50 -1.09 -12.55
N GLU A 175 17.99 -0.34 -13.54
CA GLU A 175 17.27 0.80 -14.11
C GLU A 175 15.93 0.38 -14.73
N ALA A 176 15.97 -0.65 -15.60
CA ALA A 176 14.74 -1.15 -16.23
C ALA A 176 13.76 -1.67 -15.16
N CYS A 177 14.29 -2.31 -14.10
CA CYS A 177 13.47 -2.81 -13.01
C CYS A 177 12.74 -1.65 -12.31
N TRP A 178 13.53 -0.65 -11.87
CA TRP A 178 12.96 0.57 -11.27
C TRP A 178 11.95 1.29 -12.21
N ASP A 179 12.26 1.36 -13.51
CA ASP A 179 11.31 1.95 -14.45
C ASP A 179 9.95 1.20 -14.38
N MET A 180 10.02 -0.13 -14.29
CA MET A 180 8.82 -0.93 -14.30
C MET A 180 8.08 -0.84 -12.97
N VAL A 181 8.81 -0.89 -11.86
CA VAL A 181 8.21 -0.69 -10.55
C VAL A 181 7.44 0.65 -10.48
N SER A 182 8.09 1.71 -10.96
CA SER A 182 7.49 3.03 -10.96
C SER A 182 6.26 3.12 -11.92
N ALA A 183 6.36 2.54 -13.12
CA ALA A 183 5.21 2.49 -14.02
C ALA A 183 4.04 1.75 -13.37
N MET A 184 4.33 0.63 -12.73
CA MET A 184 3.27 -0.16 -12.10
C MET A 184 2.60 0.57 -10.94
N ALA A 185 3.40 1.30 -10.19
CA ALA A 185 2.87 2.18 -9.15
C ALA A 185 1.90 3.21 -9.75
N GLY A 186 2.32 3.84 -10.85
CA GLY A 186 1.45 4.78 -11.55
C GLY A 186 0.15 4.13 -12.05
N ASP A 187 0.28 2.90 -12.54
CA ASP A 187 -0.85 2.09 -12.95
C ASP A 187 -1.84 1.81 -11.82
N ILE A 188 -1.34 1.56 -10.62
CA ILE A 188 -2.24 1.29 -9.48
C ILE A 188 -2.98 2.58 -9.07
N ILE A 189 -2.29 3.71 -9.08
CA ILE A 189 -2.98 4.99 -8.90
C ILE A 189 -4.18 5.10 -9.84
N LEU A 190 -3.97 4.73 -11.11
CA LEU A 190 -5.03 4.71 -12.12
C LEU A 190 -6.19 3.78 -11.72
N LEU A 191 -5.86 2.70 -11.03
CA LEU A 191 -6.89 1.75 -10.58
C LEU A 191 -7.84 2.30 -9.53
N LEU A 192 -7.54 3.49 -8.99
CA LEU A 192 -8.55 4.20 -8.22
C LEU A 192 -9.83 4.42 -9.07
N ASP A 193 -9.68 4.36 -10.40
CA ASP A 193 -10.80 4.53 -11.34
C ASP A 193 -11.29 3.24 -11.95
N SER A 194 -10.88 2.11 -11.38
CA SER A 194 -11.33 0.81 -11.85
C SER A 194 -12.84 0.73 -11.76
N ASP A 195 -13.46 -0.06 -12.64
CA ASP A 195 -14.92 -0.32 -12.54
C ASP A 195 -15.24 -1.28 -11.40
N ASN A 196 -14.21 -1.95 -10.88
CA ASN A 196 -14.39 -2.93 -9.84
C ASN A 196 -14.17 -2.34 -8.45
N ASP A 197 -15.18 -2.44 -7.63
CA ASP A 197 -15.19 -1.91 -6.25
C ASP A 197 -14.04 -2.43 -5.41
N GLY A 198 -13.76 -3.75 -5.50
CA GLY A 198 -12.68 -4.37 -4.71
C GLY A 198 -11.30 -3.91 -5.16
N ILE A 199 -11.11 -3.75 -6.47
CA ILE A 199 -9.82 -3.27 -6.98
C ILE A 199 -9.58 -1.82 -6.47
N ARG A 200 -10.60 -0.98 -6.55
CA ARG A 200 -10.51 0.39 -6.01
C ARG A 200 -10.09 0.41 -4.55
N THR A 201 -10.73 -0.40 -3.71
CA THR A 201 -10.37 -0.51 -2.29
C THR A 201 -8.91 -0.91 -2.06
N HIS A 202 -8.43 -1.89 -2.82
CA HIS A 202 -7.02 -2.34 -2.69
C HIS A 202 -6.09 -1.23 -3.20
N ALA A 203 -6.49 -0.57 -4.29
CA ALA A 203 -5.68 0.56 -4.82
C ALA A 203 -5.51 1.67 -3.77
N ILE A 204 -6.58 1.97 -3.04
CA ILE A 204 -6.48 2.97 -1.94
C ILE A 204 -5.32 2.66 -1.02
N ALA A 205 -5.24 1.42 -0.52
CA ALA A 205 -4.18 1.05 0.43
C ALA A 205 -2.78 1.16 -0.19
N PHE A 206 -2.64 0.81 -1.46
CA PHE A 206 -1.34 0.97 -2.14
C PHE A 206 -0.97 2.45 -2.24
N VAL A 207 -1.97 3.27 -2.56
CA VAL A 207 -1.75 4.70 -2.72
C VAL A 207 -1.40 5.35 -1.37
N GLU A 208 -2.13 4.97 -0.32
CA GLU A 208 -1.75 5.36 1.04
C GLU A 208 -0.27 5.10 1.29
N GLY A 209 0.16 3.87 1.00
CA GLY A 209 1.55 3.43 1.25
C GLY A 209 2.55 4.25 0.41
N LEU A 210 2.14 4.59 -0.81
CA LEU A 210 3.02 5.39 -1.69
C LEU A 210 3.21 6.82 -1.12
N ILE A 211 2.11 7.44 -0.70
CA ILE A 211 2.14 8.78 -0.11
C ILE A 211 3.08 8.84 1.13
N VAL A 212 2.94 7.87 2.01
CA VAL A 212 3.73 7.79 3.24
C VAL A 212 5.21 7.52 2.94
N THR A 213 5.44 6.58 2.02
CA THR A 213 6.80 6.23 1.57
C THR A 213 7.51 7.44 0.98
N LEU A 214 6.78 8.22 0.18
CA LEU A 214 7.37 9.33 -0.56
C LEU A 214 7.24 10.68 0.15
N SER A 215 7.06 10.67 1.47
CA SER A 215 7.08 11.92 2.24
C SER A 215 7.94 11.71 3.49
N PRO A 216 8.44 12.80 4.10
CA PRO A 216 9.35 12.58 5.24
C PRO A 216 8.65 12.40 6.60
N ARG A 217 9.21 11.49 7.40
CA ARG A 217 8.93 11.39 8.81
C ARG A 217 9.29 12.67 9.50
N MET A 218 8.42 13.07 10.42
CA MET A 218 8.68 14.21 11.32
C MET A 218 8.79 13.76 12.79
N ALA A 219 9.33 14.63 13.64
CA ALA A 219 9.50 14.31 15.07
C ALA A 219 8.22 13.78 15.77
N ASP A 220 7.08 14.30 15.37
CA ASP A 220 5.78 13.84 15.92
C ASP A 220 4.96 12.94 14.98
N SER A 221 5.57 12.44 13.90
CA SER A 221 4.93 11.40 13.12
C SER A 221 4.68 10.23 14.07
N GLU A 222 3.47 9.70 14.00
CA GLU A 222 3.08 8.54 14.77
C GLU A 222 3.19 7.33 13.84
N ILE A 223 4.22 6.53 14.01
CA ILE A 223 4.57 5.43 13.09
C ILE A 223 4.21 4.07 13.71
N PRO A 224 3.33 3.28 13.07
CA PRO A 224 3.09 1.93 13.58
C PRO A 224 4.38 1.12 13.69
N ARG A 225 4.52 0.37 14.78
CA ARG A 225 5.80 -0.29 15.06
C ARG A 225 6.25 -1.18 13.93
N ARG A 226 5.32 -1.92 13.32
CA ARG A 226 5.65 -2.82 12.20
C ARG A 226 6.22 -2.08 10.99
N GLN A 227 6.01 -0.77 10.92
CA GLN A 227 6.49 0.05 9.78
C GLN A 227 7.70 0.88 10.13
N GLU A 228 8.23 0.68 11.35
CA GLU A 228 9.34 1.49 11.83
C GLU A 228 10.52 1.52 10.89
N HIS A 229 10.81 0.37 10.29
CA HIS A 229 12.01 0.25 9.46
C HIS A 229 11.77 0.44 7.96
N ASP A 230 10.54 0.86 7.58
CA ASP A 230 10.25 1.13 6.17
C ASP A 230 10.94 2.39 5.73
N ILE A 231 11.40 2.42 4.48
CA ILE A 231 12.00 3.65 3.98
C ILE A 231 10.98 4.80 3.97
N SER A 232 11.48 6.02 4.11
CA SER A 232 10.66 7.21 4.02
C SER A 232 11.53 8.29 3.36
N LEU A 233 10.93 9.37 2.88
CA LEU A 233 11.68 10.31 2.04
C LEU A 233 12.89 10.95 2.78
N ASP A 234 12.74 11.22 4.08
CA ASP A 234 13.84 11.76 4.88
C ASP A 234 15.09 10.83 4.89
N ARG A 235 14.92 9.54 4.60
CA ARG A 235 16.08 8.62 4.52
C ARG A 235 16.69 8.52 3.13
N ILE A 236 16.27 9.39 2.22
CA ILE A 236 16.82 9.32 0.88
C ILE A 236 17.79 10.46 0.78
N PRO A 237 19.07 10.14 0.51
CA PRO A 237 20.04 11.23 0.40
C PRO A 237 19.62 12.24 -0.68
N ARG A 238 19.83 13.53 -0.43
CA ARG A 238 19.46 14.53 -1.42
C ARG A 238 20.41 14.58 -2.62
N ASP A 239 21.59 13.98 -2.50
CA ASP A 239 22.52 13.90 -3.63
C ASP A 239 22.71 12.47 -4.19
N HIS A 240 21.72 11.60 -4.03
CA HIS A 240 21.77 10.28 -4.68
C HIS A 240 21.78 10.55 -6.19
N PRO A 241 22.70 9.90 -6.93
CA PRO A 241 22.86 10.32 -8.32
C PRO A 241 21.72 9.84 -9.23
N TYR A 242 20.99 8.81 -8.80
CA TYR A 242 19.91 8.24 -9.60
C TYR A 242 18.50 8.49 -9.02
N ILE A 243 18.29 8.20 -7.74
CA ILE A 243 16.96 8.43 -7.17
C ILE A 243 16.91 9.91 -6.74
N GLN A 244 16.08 10.69 -7.41
CA GLN A 244 15.99 12.13 -7.17
C GLN A 244 14.95 12.46 -6.08
N TYR A 245 15.42 12.91 -4.92
CA TYR A 245 14.60 13.31 -3.77
C TYR A 245 13.40 14.19 -4.16
N ASN A 246 13.69 15.27 -4.90
CA ASN A 246 12.70 16.26 -5.32
C ASN A 246 11.62 15.66 -6.18
N VAL A 247 12.00 14.75 -7.06
CA VAL A 247 11.05 14.09 -7.95
C VAL A 247 10.11 13.14 -7.15
N LEU A 248 10.68 12.35 -6.25
CA LEU A 248 9.85 11.52 -5.34
C LEU A 248 8.87 12.35 -4.50
N TRP A 249 9.34 13.46 -3.93
CA TRP A 249 8.46 14.38 -3.16
C TRP A 249 7.23 14.79 -4.00
N GLU A 250 7.48 15.15 -5.25
CA GLU A 250 6.38 15.60 -6.16
C GLU A 250 5.44 14.45 -6.49
N GLU A 251 6.00 13.27 -6.72
CA GLU A 251 5.19 12.07 -6.87
C GLU A 251 4.33 11.76 -5.67
N GLY A 252 4.86 11.93 -4.46
CA GLY A 252 4.06 11.65 -3.28
C GLY A 252 2.95 12.67 -3.12
N LYS A 253 3.26 13.94 -3.38
CA LYS A 253 2.21 14.94 -3.34
C LYS A 253 1.14 14.70 -4.39
N ALA A 254 1.53 14.25 -5.58
CA ALA A 254 0.57 13.97 -6.66
C ALA A 254 -0.33 12.81 -6.29
N ALA A 255 0.27 11.78 -5.68
CA ALA A 255 -0.48 10.61 -5.20
C ALA A 255 -1.54 11.04 -4.18
N LEU A 256 -1.16 11.90 -3.24
CA LEU A 256 -2.07 12.42 -2.25
C LEU A 256 -3.18 13.24 -2.93
N GLU A 257 -2.79 14.10 -3.86
CA GLU A 257 -3.80 14.83 -4.68
C GLU A 257 -4.86 13.89 -5.32
N GLN A 258 -4.42 12.77 -5.90
CA GLN A 258 -5.37 11.78 -6.47
C GLN A 258 -6.24 11.16 -5.39
N LEU A 259 -5.66 10.85 -4.24
CA LEU A 259 -6.46 10.28 -3.16
C LEU A 259 -7.49 11.27 -2.60
N LEU A 260 -7.10 12.54 -2.42
CA LEU A 260 -8.04 13.58 -1.97
C LEU A 260 -9.17 13.79 -2.95
N LYS A 261 -8.86 13.76 -4.24
CA LYS A 261 -9.89 13.86 -5.26
C LYS A 261 -10.84 12.67 -5.20
N PHE A 262 -10.27 11.47 -5.09
CA PHE A 262 -11.06 10.25 -4.94
C PHE A 262 -12.05 10.34 -3.80
N MET A 263 -11.57 10.80 -2.63
CA MET A 263 -12.33 10.82 -1.38
C MET A 263 -13.61 11.61 -1.55
N VAL A 264 -13.51 12.62 -2.41
CA VAL A 264 -14.49 13.66 -2.56
C VAL A 264 -15.40 13.37 -3.78
N HIS A 265 -15.10 12.32 -4.53
CA HIS A 265 -15.86 11.94 -5.74
C HIS A 265 -17.29 11.38 -5.46
N PRO A 266 -18.31 11.82 -6.24
CA PRO A 266 -19.71 11.44 -5.96
C PRO A 266 -20.11 9.98 -6.28
N ALA A 267 -19.22 9.23 -6.93
CA ALA A 267 -19.50 7.85 -7.35
C ALA A 267 -18.82 6.75 -6.54
N ILE A 268 -18.04 7.10 -5.52
CA ILE A 268 -17.39 6.03 -4.80
C ILE A 268 -18.37 5.30 -3.87
N SER A 269 -18.05 4.03 -3.66
CA SER A 269 -18.84 3.17 -2.82
C SER A 269 -18.64 3.40 -1.33
N SER A 270 -19.49 2.77 -0.51
CA SER A 270 -19.37 2.97 0.94
C SER A 270 -18.08 2.36 1.48
N ILE A 271 -17.68 1.19 0.96
CA ILE A 271 -16.43 0.55 1.42
C ILE A 271 -15.20 1.37 0.92
N ASN A 272 -15.24 1.84 -0.32
CA ASN A 272 -14.20 2.76 -0.83
C ASN A 272 -14.10 4.02 0.08
N LEU A 273 -15.25 4.65 0.36
CA LEU A 273 -15.30 5.83 1.24
C LEU A 273 -14.66 5.58 2.61
N THR A 274 -15.09 4.52 3.29
CA THR A 274 -14.54 4.22 4.61
C THR A 274 -13.03 3.87 4.58
N THR A 275 -12.60 3.10 3.59
CA THR A 275 -11.21 2.80 3.40
C THR A 275 -10.39 4.08 3.19
N ALA A 276 -10.89 4.97 2.33
CA ALA A 276 -10.17 6.23 2.04
C ALA A 276 -10.14 7.12 3.28
N LEU A 277 -11.24 7.15 4.06
CA LEU A 277 -11.22 7.92 5.32
C LEU A 277 -10.13 7.43 6.27
N GLY A 278 -10.08 6.11 6.43
CA GLY A 278 -9.04 5.41 7.17
C GLY A 278 -7.64 5.75 6.70
N SER A 279 -7.40 5.59 5.39
CA SER A 279 -6.10 5.92 4.79
C SER A 279 -5.66 7.39 5.05
N LEU A 280 -6.57 8.32 4.88
CA LEU A 280 -6.27 9.72 5.10
C LEU A 280 -5.98 10.03 6.57
N ALA A 281 -6.69 9.36 7.50
CA ALA A 281 -6.38 9.54 8.93
C ALA A 281 -4.98 9.00 9.27
N ASN A 282 -4.67 7.83 8.69
CA ASN A 282 -3.34 7.28 8.78
C ASN A 282 -2.29 8.26 8.28
N ILE A 283 -2.51 8.82 7.10
CA ILE A 283 -1.57 9.80 6.55
C ILE A 283 -1.44 11.03 7.44
N ALA A 284 -2.56 11.56 7.95
CA ALA A 284 -2.50 12.72 8.85
C ALA A 284 -1.64 12.46 10.07
N ARG A 285 -1.80 11.30 10.67
CA ARG A 285 -1.02 10.94 11.88
C ARG A 285 0.45 10.56 11.61
N GLN A 286 0.69 9.78 10.55
CA GLN A 286 2.06 9.39 10.16
C GLN A 286 2.87 10.51 9.50
N ARG A 287 2.16 11.45 8.86
CA ARG A 287 2.76 12.56 8.08
C ARG A 287 2.03 13.89 8.38
N PRO A 288 2.29 14.48 9.57
CA PRO A 288 1.40 15.57 9.98
C PRO A 288 1.45 16.81 9.11
N MET A 289 2.42 16.92 8.22
CA MET A 289 2.42 18.06 7.29
C MET A 289 1.24 18.00 6.33
N PHE A 290 0.59 16.84 6.23
CA PHE A 290 -0.61 16.72 5.42
C PHE A 290 -1.92 16.82 6.20
N MET A 291 -1.85 17.14 7.48
CA MET A 291 -3.08 17.17 8.30
C MET A 291 -4.09 18.21 7.80
N SER A 292 -3.59 19.37 7.40
CA SER A 292 -4.44 20.43 6.83
C SER A 292 -5.26 19.90 5.68
N GLU A 293 -4.61 19.22 4.75
CA GLU A 293 -5.25 18.72 3.54
C GLU A 293 -6.26 17.62 3.84
N VAL A 294 -5.93 16.75 4.81
CA VAL A 294 -6.85 15.72 5.25
C VAL A 294 -8.13 16.28 5.88
N ILE A 295 -7.97 17.25 6.80
CA ILE A 295 -9.14 17.83 7.46
C ILE A 295 -10.04 18.49 6.40
N GLN A 296 -9.44 19.24 5.50
CA GLN A 296 -10.18 19.91 4.43
C GLN A 296 -10.98 18.90 3.56
N ALA A 297 -10.36 17.76 3.26
CA ALA A 297 -11.06 16.70 2.48
C ALA A 297 -12.26 16.18 3.25
N TYR A 298 -12.12 15.96 4.57
CA TYR A 298 -13.24 15.55 5.44
C TYR A 298 -14.34 16.61 5.38
N GLU A 299 -13.96 17.88 5.51
CA GLU A 299 -14.91 19.02 5.39
C GLU A 299 -15.73 18.94 4.10
N THR A 300 -15.03 18.80 2.98
CA THR A 300 -15.63 18.84 1.63
C THR A 300 -16.54 17.64 1.44
N LEU A 301 -16.11 16.48 1.92
CA LEU A 301 -16.95 15.31 1.89
C LEU A 301 -18.26 15.57 2.63
N HIS A 302 -18.15 16.07 3.86
CA HIS A 302 -19.34 16.26 4.66
C HIS A 302 -20.33 17.28 4.06
N ALA A 303 -19.81 18.30 3.37
CA ALA A 303 -20.64 19.28 2.67
C ALA A 303 -21.26 18.73 1.37
N ASN A 304 -20.65 17.68 0.82
CA ASN A 304 -21.06 17.07 -0.45
C ASN A 304 -21.07 15.54 -0.39
N LEU A 305 -22.00 14.97 0.36
CA LEU A 305 -22.07 13.51 0.51
C LEU A 305 -22.46 12.83 -0.82
N PRO A 306 -21.89 11.63 -1.11
CA PRO A 306 -22.22 10.90 -2.35
C PRO A 306 -23.73 10.68 -2.35
N PRO A 307 -24.47 11.16 -3.39
CA PRO A 307 -25.93 11.18 -3.26
C PRO A 307 -26.54 9.81 -2.92
N THR A 308 -25.85 8.73 -3.29
CA THR A 308 -26.31 7.37 -3.00
C THR A 308 -26.27 6.99 -1.48
N LEU A 309 -25.47 7.74 -0.72
CA LEU A 309 -25.29 7.51 0.72
C LEU A 309 -25.90 8.57 1.62
N ALA A 310 -26.64 9.51 1.04
CA ALA A 310 -27.01 10.73 1.75
C ALA A 310 -28.39 10.70 2.39
N LYS A 311 -29.02 9.52 2.40
CA LYS A 311 -30.30 9.31 3.10
C LYS A 311 -30.21 8.17 4.12
N SER A 312 -30.68 6.97 3.78
CA SER A 312 -30.63 5.84 4.75
C SER A 312 -29.23 5.60 5.29
N GLN A 313 -28.21 5.83 4.46
CA GLN A 313 -26.84 5.51 4.87
C GLN A 313 -26.14 6.66 5.58
N VAL A 314 -26.84 7.77 5.75
CA VAL A 314 -26.12 8.95 6.19
C VAL A 314 -25.58 8.82 7.64
N SER A 315 -26.35 8.21 8.52
CA SER A 315 -25.90 8.00 9.92
C SER A 315 -24.59 7.22 9.93
N SER A 316 -24.51 6.17 9.12
CA SER A 316 -23.28 5.38 9.06
C SER A 316 -22.09 6.16 8.50
N VAL A 317 -22.30 6.94 7.45
CA VAL A 317 -21.21 7.79 6.89
C VAL A 317 -20.74 8.77 7.99
N ARG A 318 -21.70 9.40 8.66
CA ARG A 318 -21.36 10.37 9.69
C ARG A 318 -20.58 9.79 10.86
N LYS A 319 -21.00 8.63 11.33
CA LYS A 319 -20.31 7.92 12.39
C LYS A 319 -18.87 7.65 11.98
N ASN A 320 -18.72 7.18 10.75
CA ASN A 320 -17.41 6.80 10.31
C ASN A 320 -16.52 8.04 10.16
N LEU A 321 -17.10 9.12 9.66
CA LEU A 321 -16.32 10.37 9.52
C LEU A 321 -15.92 10.89 10.91
N LYS A 322 -16.84 10.86 11.86
CA LYS A 322 -16.59 11.27 13.23
C LYS A 322 -15.45 10.46 13.85
N LEU A 323 -15.48 9.13 13.68
CA LEU A 323 -14.52 8.27 14.33
C LEU A 323 -13.12 8.54 13.76
N HIS A 324 -13.05 8.64 12.44
CA HIS A 324 -11.80 9.00 11.80
C HIS A 324 -11.30 10.38 12.16
N LEU A 325 -12.21 11.36 12.25
CA LEU A 325 -11.81 12.72 12.59
C LEU A 325 -11.32 12.78 14.03
N LEU A 326 -12.01 12.09 14.92
CA LEU A 326 -11.59 12.04 16.31
C LEU A 326 -10.16 11.45 16.42
N SER A 327 -9.83 10.45 15.59
CA SER A 327 -8.49 9.81 15.66
C SER A 327 -7.42 10.80 15.21
N VAL A 328 -7.82 11.70 14.30
CA VAL A 328 -6.94 12.78 13.89
C VAL A 328 -6.81 13.82 15.00
N LEU A 329 -7.93 14.19 15.62
CA LEU A 329 -7.85 15.16 16.73
C LEU A 329 -6.91 14.71 17.86
N LYS A 330 -6.98 13.42 18.19
CA LYS A 330 -6.11 12.85 19.24
C LYS A 330 -4.62 13.10 19.00
N HIS A 331 -4.23 13.27 17.75
CA HIS A 331 -2.81 13.52 17.47
C HIS A 331 -2.45 14.97 17.79
N PRO A 332 -1.30 15.20 18.46
CA PRO A 332 -1.05 16.56 18.95
C PRO A 332 -0.88 17.64 17.87
N ALA A 333 -0.55 17.26 16.64
CA ALA A 333 -0.44 18.27 15.59
C ALA A 333 -1.81 18.86 15.22
N SER A 334 -2.87 18.22 15.72
CA SER A 334 -4.23 18.72 15.44
C SER A 334 -4.53 20.07 16.09
N LEU A 335 -3.82 20.37 17.19
CA LEU A 335 -4.05 21.62 17.91
C LEU A 335 -3.89 22.86 17.04
N GLU A 336 -3.04 22.78 16.02
CA GLU A 336 -2.92 23.88 15.08
C GLU A 336 -4.19 24.13 14.24
N PHE A 337 -5.06 23.13 14.17
CA PHE A 337 -6.28 23.23 13.38
C PHE A 337 -7.52 23.02 14.26
N GLN A 338 -7.41 23.36 15.55
CA GLN A 338 -8.50 23.09 16.51
C GLN A 338 -9.86 23.66 16.07
N ALA A 339 -9.86 24.92 15.66
CA ALA A 339 -11.12 25.56 15.27
C ALA A 339 -11.81 24.80 14.12
N GLN A 340 -11.05 24.49 13.09
CA GLN A 340 -11.55 23.75 11.96
C GLN A 340 -12.08 22.36 12.33
N ILE A 341 -11.30 21.59 13.09
CA ILE A 341 -11.69 20.23 13.45
C ILE A 341 -12.93 20.23 14.34
N THR A 342 -12.91 21.11 15.36
CA THR A 342 -13.99 21.23 16.32
C THR A 342 -15.30 21.57 15.63
N THR A 343 -15.25 22.56 14.75
CA THR A 343 -16.43 22.96 13.97
C THR A 343 -17.03 21.79 13.17
N LEU A 344 -16.15 21.06 12.47
CA LEU A 344 -16.56 19.92 11.70
C LEU A 344 -17.15 18.86 12.62
N LEU A 345 -16.51 18.60 13.75
CA LEU A 345 -17.03 17.61 14.70
C LEU A 345 -18.42 17.98 15.24
N VAL A 346 -18.61 19.25 15.62
CA VAL A 346 -19.95 19.71 16.03
C VAL A 346 -20.96 19.52 14.89
N ASP A 347 -20.58 19.92 13.68
CA ASP A 347 -21.38 19.70 12.47
C ASP A 347 -21.77 18.24 12.20
N LEU A 348 -20.89 17.30 12.57
CA LEU A 348 -21.17 15.87 12.48
C LEU A 348 -22.05 15.40 13.63
N GLY A 349 -22.36 16.29 14.54
CA GLY A 349 -23.17 15.94 15.69
C GLY A 349 -22.39 15.28 16.81
N THR A 350 -21.07 15.52 16.85
CA THR A 350 -20.24 14.94 17.90
C THR A 350 -20.52 15.65 19.22
N PRO A 351 -20.93 14.90 20.26
CA PRO A 351 -21.18 15.59 21.52
C PRO A 351 -19.95 16.33 22.04
N GLN A 352 -20.17 17.50 22.64
CA GLN A 352 -19.07 18.29 23.22
C GLN A 352 -18.12 17.46 24.13
N ALA A 353 -18.71 16.58 24.98
CA ALA A 353 -17.93 15.74 25.89
C ALA A 353 -16.91 14.87 25.16
N GLU A 354 -17.33 14.34 24.01
CA GLU A 354 -16.49 13.42 23.23
C GLU A 354 -15.39 14.22 22.53
N ILE A 355 -15.71 15.44 22.09
CA ILE A 355 -14.65 16.34 21.57
C ILE A 355 -13.58 16.62 22.66
N ALA A 356 -14.06 17.07 23.83
CA ALA A 356 -13.20 17.36 24.97
C ALA A 356 -12.28 16.23 25.38
N ARG A 357 -12.85 15.02 25.48
CA ARG A 357 -12.11 13.78 25.84
C ARG A 357 -10.98 13.42 24.86
N ASN A 358 -11.15 13.75 23.58
CA ASN A 358 -10.16 13.45 22.56
C ASN A 358 -9.18 14.59 22.24
N MET A 359 -9.36 15.73 22.91
CA MET A 359 -8.55 16.91 22.69
C MET A 359 -7.17 16.70 23.32
N PRO A 360 -6.09 16.85 22.53
CA PRO A 360 -4.77 16.64 23.16
C PRO A 360 -4.43 17.78 24.07
N SER A 361 -3.56 17.50 25.05
CA SER A 361 -2.99 18.58 25.88
C SER A 361 -1.84 19.20 25.10
N SER A 362 -1.64 20.51 25.23
CA SER A 362 -0.48 21.19 24.62
C SER A 362 0.87 20.62 25.08
N LYS A 363 0.85 20.03 26.28
CA LYS A 363 1.99 19.25 26.78
C LYS A 363 2.44 18.15 25.79
N ASP A 364 1.47 17.57 25.04
CA ASP A 364 1.72 16.50 24.07
C ASP A 364 2.41 17.04 22.80
N THR A 365 2.52 18.36 22.67
CA THR A 365 3.18 18.96 21.49
C THR A 365 4.70 19.19 21.65
N ARG A 366 5.28 18.81 22.79
CA ARG A 366 6.71 19.02 23.04
C ARG A 366 7.69 18.53 21.93
N LYS A 367 7.35 17.42 21.25
CA LYS A 367 8.21 16.86 20.17
C LYS A 367 8.35 17.75 18.92
N ARG A 368 7.27 18.43 18.55
CA ARG A 368 7.31 19.40 17.45
C ARG A 368 6.24 20.46 17.70
N PRO A 369 6.58 21.49 18.49
CA PRO A 369 5.55 22.47 18.90
C PRO A 369 5.18 23.45 17.78
C1 EDO B . -5.90 -25.98 -13.33
O1 EDO B . -5.33 -25.67 -12.04
C2 EDO B . -6.18 -27.47 -13.45
O2 EDO B . -4.95 -28.20 -13.26
C1 EDO C . 4.75 1.28 -0.56
O1 EDO C . 5.24 -0.07 -0.82
C2 EDO C . 3.68 1.70 -1.60
O2 EDO C . 2.37 1.19 -1.22
#